data_5GZ9
#
_entry.id   5GZ9
#
_cell.length_a   81.320
_cell.length_b   81.320
_cell.length_c   146.838
_cell.angle_alpha   90.00
_cell.angle_beta   90.00
_cell.angle_gamma   120.00
#
_symmetry.space_group_name_H-M   'P 31 2 1'
#
loop_
_entity.id
_entity.type
_entity.pdbx_description
1 polymer 'Protein O-mannose kinase'
2 non-polymer 'PHOSPHOAMINOPHOSPHONIC ACID-ADENYLATE ESTER'
3 non-polymer 'MAGNESIUM ION'
4 non-polymer alpha-D-mannopyranose
5 water water
#
_entity_poly.entity_id   1
_entity_poly.type   'polypeptide(L)'
_entity_poly.pdbx_seq_one_letter_code
;GRSTADSRRCPPGYFRMGRMRQCSRWLSCEELRTEVRQLKRVGEGAVKRVFLSEWKEHKVALSRLTRLEMKEDFLHGLQM
LKSLQSEHVVTLVGYCEEDGTILTEYHPLGSLSNLEETLQLSKYQDVNTWQHRLQLAMEYVSIINYLHHSPLGTRVMCDS
NDLPKTLSQYLLTSNFSIVANDLDALPLVDHDSGVLIKCGHRELHGDFVAPEQLWPYGEDTPFQDDLMPSYNEKVDIWKI
PDVSSFLLGHVEGSDMVRFHLFDIHKACKSQIPAERPTAQNVLDAYQRVFHSLRDTVMSQTKEML
;
_entity_poly.pdbx_strand_id   A
#
loop_
_chem_comp.id
_chem_comp.type
_chem_comp.name
_chem_comp.formula
ANP non-polymer 'PHOSPHOAMINOPHOSPHONIC ACID-ADENYLATE ESTER' 'C10 H17 N6 O12 P3'
MAN D-saccharide, alpha linking alpha-D-mannopyranose 'C6 H12 O6'
MG non-polymer 'MAGNESIUM ION' 'Mg 2'
#
# COMPACT_ATOMS: atom_id res chain seq x y z
N CYS A 10 -3.50 -4.01 19.44
CA CYS A 10 -2.32 -4.25 20.30
C CYS A 10 -1.53 -2.98 20.63
N PRO A 11 -0.94 -2.94 21.82
CA PRO A 11 -0.13 -1.77 22.20
C PRO A 11 1.12 -1.69 21.34
N PRO A 12 1.77 -0.53 21.30
CA PRO A 12 2.97 -0.38 20.45
C PRO A 12 4.03 -1.41 20.81
N GLY A 13 4.59 -2.03 19.79
CA GLY A 13 5.57 -3.06 20.03
C GLY A 13 5.02 -4.46 20.17
N TYR A 14 3.71 -4.67 20.11
CA TYR A 14 3.12 -5.99 20.25
C TYR A 14 2.35 -6.37 18.98
N PHE A 15 2.09 -7.66 18.82
CA PHE A 15 1.37 -8.20 17.69
C PHE A 15 0.40 -9.28 18.18
N ARG A 16 -0.64 -9.51 17.38
CA ARG A 16 -1.58 -10.60 17.59
C ARG A 16 -1.99 -11.13 16.22
N MET A 17 -2.00 -12.45 16.05
CA MET A 17 -2.51 -13.01 14.81
C MET A 17 -3.06 -14.41 15.08
N GLY A 18 -3.85 -14.90 14.12
CA GLY A 18 -4.35 -16.26 14.20
C GLY A 18 -5.29 -16.44 15.38
N ARG A 19 -5.13 -17.56 16.09
CA ARG A 19 -5.91 -17.85 17.28
C ARG A 19 -5.29 -17.28 18.55
N MET A 20 -4.33 -16.37 18.44
CA MET A 20 -3.79 -15.72 19.62
C MET A 20 -4.87 -14.87 20.25
N ARG A 21 -5.23 -15.17 21.49
CA ARG A 21 -6.19 -14.31 22.16
C ARG A 21 -5.57 -13.06 22.74
N GLN A 22 -4.24 -12.96 22.80
CA GLN A 22 -3.58 -11.87 23.50
C GLN A 22 -2.37 -11.41 22.70
N CYS A 23 -1.72 -10.36 23.19
CA CYS A 23 -0.67 -9.70 22.44
C CYS A 23 0.67 -10.13 22.96
N SER A 24 1.57 -10.44 22.04
CA SER A 24 2.93 -10.84 22.34
C SER A 24 3.90 -9.77 21.87
N ARG A 25 5.01 -9.63 22.58
CA ARG A 25 6.03 -8.66 22.16
C ARG A 25 6.64 -9.06 20.81
N TRP A 26 7.11 -8.06 20.06
CA TRP A 26 7.80 -8.33 18.80
C TRP A 26 8.99 -9.27 19.01
N LEU A 27 9.15 -10.22 18.09
CA LEU A 27 10.29 -11.11 18.08
C LEU A 27 11.58 -10.35 17.72
N SER A 28 12.71 -10.86 18.22
CA SER A 28 14.03 -10.28 18.02
C SER A 28 14.94 -11.24 17.25
N CYS A 29 16.22 -10.87 17.15
CA CYS A 29 17.19 -11.64 16.36
C CYS A 29 17.23 -13.11 16.78
N GLU A 30 17.34 -13.38 18.09
CA GLU A 30 17.47 -14.77 18.53
C GLU A 30 16.21 -15.56 18.20
N GLU A 31 15.03 -14.98 18.38
CA GLU A 31 13.82 -15.72 18.02
C GLU A 31 13.75 -15.98 16.52
N LEU A 32 14.11 -14.98 15.70
CA LEU A 32 14.10 -15.26 14.27
C LEU A 32 15.17 -16.27 13.89
N ARG A 33 16.31 -16.25 14.55
CA ARG A 33 17.36 -17.19 14.19
C ARG A 33 17.05 -18.62 14.62
N THR A 34 16.26 -18.81 15.69
CA THR A 34 16.08 -20.14 16.22
C THR A 34 14.70 -20.74 15.98
N GLU A 35 13.63 -19.94 15.81
CA GLU A 35 12.27 -20.47 15.81
C GLU A 35 11.56 -20.39 14.47
N VAL A 36 12.16 -19.79 13.44
CA VAL A 36 11.45 -19.62 12.18
C VAL A 36 11.99 -20.62 11.16
N ARG A 37 11.10 -21.37 10.53
CA ARG A 37 11.44 -22.31 9.47
C ARG A 37 10.99 -21.73 8.14
N GLN A 38 11.95 -21.47 7.26
CA GLN A 38 11.67 -20.98 5.91
C GLN A 38 11.11 -22.10 5.04
N LEU A 39 10.08 -21.79 4.24
CA LEU A 39 9.38 -22.81 3.46
C LEU A 39 9.60 -22.64 1.96
N LYS A 40 9.18 -21.52 1.37
CA LYS A 40 9.38 -21.31 -0.05
C LYS A 40 9.27 -19.82 -0.41
N ARG A 41 9.99 -19.45 -1.46
CA ARG A 41 9.97 -18.07 -1.94
C ARG A 41 8.60 -17.74 -2.50
N VAL A 42 8.11 -16.53 -2.21
CA VAL A 42 6.77 -16.16 -2.65
C VAL A 42 6.76 -14.79 -3.34
N GLY A 43 7.87 -14.05 -3.24
CA GLY A 43 7.91 -12.74 -3.84
C GLY A 43 9.32 -12.16 -3.85
N GLU A 44 9.43 -11.06 -4.58
CA GLU A 44 10.63 -10.30 -4.89
C GLU A 44 10.21 -9.34 -6.01
N GLY A 45 10.60 -8.07 -5.93
CA GLY A 45 11.38 -7.56 -4.83
C GLY A 45 12.65 -6.84 -5.24
N ALA A 46 12.57 -5.52 -5.43
CA ALA A 46 13.76 -4.69 -5.55
C ALA A 46 14.51 -4.52 -4.24
N VAL A 47 13.84 -4.67 -3.10
CA VAL A 47 14.47 -4.40 -1.81
C VAL A 47 14.47 -5.66 -0.94
N LYS A 48 13.40 -6.44 -1.04
CA LYS A 48 13.20 -7.60 -0.17
C LYS A 48 13.04 -8.85 -1.00
N ARG A 49 13.58 -9.96 -0.51
CA ARG A 49 13.18 -11.29 -0.97
C ARG A 49 12.29 -11.90 0.10
N VAL A 50 11.13 -12.39 -0.30
CA VAL A 50 10.04 -12.71 0.63
C VAL A 50 9.80 -14.21 0.58
N PHE A 51 9.66 -14.81 1.76
CA PHE A 51 9.56 -16.27 1.91
C PHE A 51 8.37 -16.60 2.78
N LEU A 52 7.42 -17.36 2.24
CA LEU A 52 6.50 -18.06 3.12
C LEU A 52 7.31 -18.83 4.16
N SER A 53 6.89 -18.75 5.42
CA SER A 53 7.62 -19.40 6.50
C SER A 53 6.62 -19.81 7.57
N GLU A 54 7.14 -20.45 8.63
CA GLU A 54 6.29 -20.87 9.73
C GLU A 54 7.03 -20.60 11.03
N TRP A 55 6.23 -20.26 12.04
CA TRP A 55 6.67 -19.94 13.39
C TRP A 55 5.57 -20.44 14.29
N LYS A 56 5.86 -21.47 15.09
CA LYS A 56 4.82 -22.22 15.79
C LYS A 56 3.76 -22.58 14.75
N GLU A 57 2.49 -22.41 15.13
CA GLU A 57 1.41 -22.78 14.23
C GLU A 57 1.15 -21.74 13.13
N HIS A 58 1.95 -20.66 13.03
CA HIS A 58 1.62 -19.50 12.21
C HIS A 58 2.41 -19.48 10.91
N LYS A 59 1.70 -19.29 9.80
CA LYS A 59 2.36 -18.90 8.56
C LYS A 59 2.73 -17.43 8.67
N VAL A 60 4.00 -17.12 8.37
CA VAL A 60 4.53 -15.77 8.44
C VAL A 60 5.35 -15.55 7.19
N ALA A 61 5.60 -14.28 6.89
CA ALA A 61 6.42 -13.89 5.75
C ALA A 61 7.76 -13.41 6.26
N LEU A 62 8.82 -13.92 5.69
CA LEU A 62 10.16 -13.50 6.09
C LEU A 62 10.74 -12.71 4.93
N SER A 63 10.98 -11.44 5.14
CA SER A 63 11.48 -10.56 4.09
C SER A 63 12.96 -10.29 4.34
N ARG A 64 13.80 -10.67 3.37
CA ARG A 64 15.24 -10.54 3.53
C ARG A 64 15.81 -9.54 2.53
N LEU A 65 16.61 -8.60 3.06
CA LEU A 65 17.30 -7.58 2.28
C LEU A 65 18.05 -8.23 1.13
N THR A 66 17.86 -7.70 -0.08
CA THR A 66 18.47 -8.27 -1.27
C THR A 66 19.94 -7.91 -1.37
N ARG A 67 20.27 -6.63 -1.25
CA ARG A 67 21.63 -6.11 -1.44
C ARG A 67 21.90 -5.08 -0.36
N LEU A 68 23.07 -5.20 0.28
CA LEU A 68 23.49 -4.34 1.38
C LEU A 68 23.64 -2.88 0.92
N GLU A 69 23.16 -2.59 -0.29
CA GLU A 69 23.14 -1.27 -0.91
C GLU A 69 21.75 -0.65 -0.91
N MET A 70 20.70 -1.48 -1.05
CA MET A 70 19.32 -1.09 -0.79
C MET A 70 19.01 -1.02 0.68
N LYS A 71 20.03 -1.14 1.54
CA LYS A 71 19.83 -1.14 2.99
C LYS A 71 18.98 0.03 3.44
N GLU A 72 19.30 1.24 2.97
CA GLU A 72 18.63 2.43 3.49
C GLU A 72 17.14 2.41 3.22
N ASP A 73 16.72 1.88 2.06
CA ASP A 73 15.30 1.72 1.76
C ASP A 73 14.67 0.63 2.63
N PHE A 74 15.45 -0.37 3.00
CA PHE A 74 14.94 -1.48 3.80
C PHE A 74 14.56 -1.04 5.21
N LEU A 75 15.44 -0.29 5.88
CA LEU A 75 15.14 0.19 7.24
C LEU A 75 14.03 1.23 7.24
N HIS A 76 13.86 1.99 6.15
CA HIS A 76 12.77 2.96 6.11
C HIS A 76 11.44 2.24 6.22
N GLY A 77 11.23 1.22 5.39
CA GLY A 77 10.00 0.44 5.46
C GLY A 77 9.81 -0.19 6.83
N LEU A 78 10.92 -0.63 7.46
CA LEU A 78 10.82 -1.26 8.77
C LEU A 78 10.37 -0.26 9.82
N GLN A 79 11.03 0.90 9.87
CA GLN A 79 10.61 1.96 10.76
C GLN A 79 9.16 2.37 10.49
N MET A 80 8.78 2.52 9.21
CA MET A 80 7.38 2.80 8.88
C MET A 80 6.48 1.70 9.44
N LEU A 81 6.85 0.44 9.22
CA LEU A 81 6.04 -0.68 9.69
C LEU A 81 5.84 -0.62 11.20
N LYS A 82 6.92 -0.34 11.95
CA LYS A 82 6.83 -0.33 13.41
C LYS A 82 5.88 0.76 13.92
N SER A 83 5.94 1.96 13.35
CA SER A 83 5.13 3.07 13.83
C SER A 83 3.71 3.07 13.27
N LEU A 84 3.45 2.35 12.19
CA LEU A 84 2.18 2.46 11.50
C LEU A 84 1.31 1.22 11.67
N GLN A 85 1.66 0.34 12.61
CA GLN A 85 0.79 -0.78 12.90
C GLN A 85 -0.62 -0.26 13.17
N SER A 86 -1.61 -0.95 12.60
CA SER A 86 -3.01 -0.58 12.60
C SER A 86 -3.76 -1.53 11.67
N GLU A 87 -5.09 -1.42 11.65
CA GLU A 87 -5.87 -2.28 10.78
C GLU A 87 -5.53 -2.08 9.31
N HIS A 88 -4.84 -0.98 8.95
CA HIS A 88 -4.54 -0.64 7.55
C HIS A 88 -3.20 -1.18 7.06
N VAL A 89 -2.35 -1.67 7.98
CA VAL A 89 -0.99 -2.08 7.66
C VAL A 89 -0.82 -3.55 8.01
N VAL A 90 0.11 -4.23 7.35
CA VAL A 90 0.39 -5.64 7.67
C VAL A 90 0.96 -5.76 9.09
N THR A 91 0.54 -6.80 9.81
CA THR A 91 1.01 -7.02 11.18
C THR A 91 2.50 -7.36 11.19
N LEU A 92 3.29 -6.52 11.86
CA LEU A 92 4.69 -6.81 12.14
C LEU A 92 4.83 -7.81 13.29
N VAL A 93 5.59 -8.88 13.07
CA VAL A 93 5.75 -9.94 14.06
C VAL A 93 7.11 -9.88 14.72
N GLY A 94 8.16 -9.64 13.95
CA GLY A 94 9.50 -9.58 14.50
C GLY A 94 10.39 -8.96 13.45
N TYR A 95 11.60 -8.59 13.88
CA TYR A 95 12.61 -8.12 12.95
C TYR A 95 13.99 -8.31 13.57
N CYS A 96 15.00 -8.19 12.70
CA CYS A 96 16.42 -8.31 13.10
C CYS A 96 17.24 -7.44 12.14
N GLU A 97 17.69 -6.29 12.63
CA GLU A 97 18.45 -5.37 11.77
C GLU A 97 19.76 -6.00 11.34
N GLU A 98 20.44 -6.69 12.26
CA GLU A 98 21.73 -7.29 11.96
C GLU A 98 21.63 -8.24 10.77
N ASP A 99 20.60 -9.07 10.74
CA ASP A 99 20.40 -10.01 9.65
C ASP A 99 19.61 -9.44 8.48
N GLY A 100 19.18 -8.19 8.57
CA GLY A 100 18.39 -7.63 7.48
C GLY A 100 17.13 -8.42 7.19
N THR A 101 16.42 -8.83 8.24
CA THR A 101 15.20 -9.62 8.09
C THR A 101 14.05 -8.97 8.83
N ILE A 102 12.84 -9.23 8.31
CA ILE A 102 11.59 -8.72 8.85
C ILE A 102 10.60 -9.86 8.81
N LEU A 103 9.86 -10.04 9.90
CA LEU A 103 8.86 -11.09 9.99
C LEU A 103 7.50 -10.43 10.12
N THR A 104 6.55 -10.85 9.28
CA THR A 104 5.22 -10.26 9.26
C THR A 104 4.20 -11.37 9.09
N GLU A 105 2.94 -11.03 9.28
CA GLU A 105 1.87 -12.01 9.11
C GLU A 105 1.75 -12.37 7.63
N TYR A 106 1.68 -13.68 7.34
CA TYR A 106 1.53 -14.10 5.96
C TYR A 106 0.06 -14.04 5.54
N HIS A 107 -0.16 -13.58 4.32
CA HIS A 107 -1.50 -13.57 3.72
C HIS A 107 -1.53 -14.42 2.47
N PRO A 108 -2.11 -15.63 2.53
CA PRO A 108 -2.00 -16.57 1.40
C PRO A 108 -2.67 -16.10 0.14
N LEU A 109 -3.62 -15.15 0.20
CA LEU A 109 -4.16 -14.59 -1.03
C LEU A 109 -3.18 -13.67 -1.71
N GLY A 110 -2.21 -13.15 -0.97
CA GLY A 110 -1.12 -12.45 -1.60
C GLY A 110 -1.48 -11.06 -2.08
N SER A 111 -0.72 -10.61 -3.07
CA SER A 111 -0.85 -9.28 -3.63
C SER A 111 -2.29 -9.00 -4.07
N LEU A 112 -2.70 -7.73 -3.92
CA LEU A 112 -3.93 -7.22 -4.51
C LEU A 112 -4.06 -7.52 -6.02
N SER A 113 -2.95 -7.79 -6.70
CA SER A 113 -2.97 -8.20 -8.10
C SER A 113 -3.80 -9.46 -8.33
N ASN A 114 -3.85 -10.36 -7.36
CA ASN A 114 -4.54 -11.63 -7.50
C ASN A 114 -6.04 -11.52 -7.30
N LEU A 115 -6.58 -10.30 -7.22
CA LEU A 115 -8.00 -10.13 -6.90
C LEU A 115 -8.89 -10.95 -7.82
N GLU A 116 -8.76 -10.75 -9.13
CA GLU A 116 -9.69 -11.42 -10.03
C GLU A 116 -9.54 -12.94 -9.95
N GLU A 117 -8.29 -13.42 -9.91
CA GLU A 117 -8.03 -14.84 -9.71
C GLU A 117 -8.63 -15.35 -8.41
N THR A 118 -8.55 -14.56 -7.35
CA THR A 118 -9.07 -14.99 -6.06
C THR A 118 -10.60 -15.14 -6.08
N LEU A 119 -11.29 -14.33 -6.90
CA LEU A 119 -12.75 -14.25 -6.76
C LEU A 119 -13.45 -15.32 -7.59
N GLN A 120 -12.75 -16.44 -7.83
CA GLN A 120 -13.36 -17.63 -8.43
C GLN A 120 -12.78 -18.95 -7.90
N LYS A 123 -16.40 -20.64 -3.72
CA LYS A 123 -15.24 -20.62 -2.85
C LYS A 123 -15.16 -19.27 -2.15
N TYR A 124 -14.93 -18.24 -2.97
CA TYR A 124 -14.95 -16.84 -2.54
C TYR A 124 -15.92 -15.99 -3.34
N GLN A 125 -16.84 -16.61 -4.07
CA GLN A 125 -17.87 -15.92 -4.83
C GLN A 125 -19.13 -15.61 -3.99
N ASP A 126 -19.13 -15.90 -2.67
CA ASP A 126 -20.07 -15.14 -1.85
C ASP A 126 -19.76 -13.64 -1.86
N VAL A 127 -18.55 -13.25 -2.29
CA VAL A 127 -18.13 -11.86 -2.24
C VAL A 127 -17.65 -11.34 -3.59
N ASN A 128 -17.95 -12.03 -4.69
CA ASN A 128 -17.68 -11.46 -6.01
C ASN A 128 -18.89 -10.67 -6.52
N THR A 129 -19.27 -9.65 -5.74
CA THR A 129 -20.36 -8.75 -6.08
C THR A 129 -19.83 -7.33 -6.21
N TRP A 130 -20.67 -6.45 -6.75
CA TRP A 130 -20.25 -5.05 -6.76
C TRP A 130 -20.18 -4.48 -5.34
N GLN A 131 -21.09 -4.91 -4.46
CA GLN A 131 -21.09 -4.39 -3.09
C GLN A 131 -19.76 -4.66 -2.38
N HIS A 132 -19.21 -5.86 -2.54
CA HIS A 132 -17.98 -6.20 -1.83
C HIS A 132 -16.78 -5.52 -2.48
N ARG A 133 -16.76 -5.46 -3.81
CA ARG A 133 -15.70 -4.76 -4.52
C ARG A 133 -15.68 -3.26 -4.17
N LEU A 134 -16.84 -2.62 -4.11
CA LEU A 134 -16.85 -1.22 -3.70
C LEU A 134 -16.37 -1.06 -2.26
N GLN A 135 -16.73 -2.01 -1.38
CA GLN A 135 -16.20 -1.96 -0.02
C GLN A 135 -14.69 -2.16 -0.03
N LEU A 136 -14.20 -3.07 -0.88
CA LEU A 136 -12.77 -3.18 -1.11
C LEU A 136 -12.17 -1.81 -1.46
N ALA A 137 -12.80 -1.09 -2.40
CA ALA A 137 -12.31 0.22 -2.83
C ALA A 137 -12.34 1.23 -1.69
N MET A 138 -13.38 1.17 -0.85
CA MET A 138 -13.41 2.00 0.36
C MET A 138 -12.29 1.65 1.34
N GLU A 139 -11.91 0.37 1.45
CA GLU A 139 -10.79 0.05 2.34
C GLU A 139 -9.48 0.62 1.82
N TYR A 140 -9.25 0.54 0.49
CA TYR A 140 -8.06 1.12 -0.11
C TYR A 140 -7.97 2.62 0.18
N VAL A 141 -9.05 3.35 -0.07
CA VAL A 141 -9.03 4.78 0.23
C VAL A 141 -8.77 5.00 1.73
N SER A 142 -9.35 4.15 2.59
CA SER A 142 -9.11 4.29 4.03
C SER A 142 -7.63 4.18 4.37
N ILE A 143 -6.91 3.29 3.69
CA ILE A 143 -5.46 3.22 3.91
C ILE A 143 -4.79 4.54 3.52
N ILE A 144 -5.12 5.04 2.31
CA ILE A 144 -4.54 6.30 1.85
C ILE A 144 -4.82 7.40 2.87
N ASN A 145 -6.09 7.50 3.30
CA ASN A 145 -6.46 8.46 4.34
C ASN A 145 -5.64 8.22 5.62
N TYR A 146 -5.42 6.96 6.00
CA TYR A 146 -4.58 6.73 7.16
C TYR A 146 -3.13 7.17 6.92
N LEU A 147 -2.55 6.83 5.77
CA LEU A 147 -1.18 7.27 5.49
C LEU A 147 -1.07 8.79 5.50
N HIS A 148 -2.09 9.48 4.98
CA HIS A 148 -2.06 10.94 4.94
C HIS A 148 -2.27 11.58 6.31
N HIS A 149 -2.64 10.81 7.32
CA HIS A 149 -2.83 11.28 8.70
C HIS A 149 -2.21 10.30 9.69
N SER A 150 -0.97 9.89 9.44
CA SER A 150 -0.37 8.76 10.13
C SER A 150 0.34 9.22 11.40
N PRO A 151 0.68 8.29 12.29
CA PRO A 151 1.50 8.67 13.45
C PRO A 151 2.77 9.41 13.08
N LEU A 152 3.33 9.13 11.90
CA LEU A 152 4.54 9.81 11.43
C LEU A 152 4.21 10.91 10.43
N GLY A 153 3.07 11.59 10.59
CA GLY A 153 2.73 12.72 9.73
C GLY A 153 2.14 12.24 8.41
N THR A 154 1.93 13.19 7.48
CA THR A 154 1.42 12.85 6.15
C THR A 154 2.49 12.10 5.34
N ARG A 155 2.21 10.84 5.00
CA ARG A 155 3.13 9.97 4.25
C ARG A 155 2.52 9.60 2.90
N VAL A 156 3.37 9.58 1.87
CA VAL A 156 2.95 9.42 0.47
C VAL A 156 3.39 8.05 -0.01
N MET A 157 2.47 7.33 -0.69
CA MET A 157 2.77 5.99 -1.20
C MET A 157 3.52 6.13 -2.54
N CYS A 158 4.79 6.53 -2.44
CA CYS A 158 5.57 6.91 -3.63
C CYS A 158 5.71 5.79 -4.66
N ASP A 159 5.89 4.53 -4.23
CA ASP A 159 6.22 3.48 -5.19
C ASP A 159 4.95 2.96 -5.88
N SER A 160 4.36 3.83 -6.74
CA SER A 160 3.09 3.49 -7.43
C SER A 160 3.06 4.24 -8.76
N ASN A 161 3.96 3.83 -9.65
CA ASN A 161 4.06 4.46 -10.95
C ASN A 161 3.23 3.78 -12.02
N ASP A 162 2.70 2.59 -11.75
CA ASP A 162 1.75 1.97 -12.66
C ASP A 162 0.83 1.06 -11.86
N LEU A 163 -0.26 0.63 -12.49
CA LEU A 163 -1.25 -0.19 -11.80
C LEU A 163 -0.65 -1.47 -11.21
N PRO A 164 -0.02 -2.36 -11.99
CA PRO A 164 0.48 -3.60 -11.35
C PRO A 164 1.42 -3.34 -10.19
N LYS A 165 2.28 -2.32 -10.30
CA LYS A 165 3.22 -2.04 -9.24
C LYS A 165 2.50 -1.50 -8.00
N THR A 166 1.49 -0.63 -8.21
CA THR A 166 0.69 -0.08 -7.12
C THR A 166 -0.02 -1.20 -6.35
N LEU A 167 -0.57 -2.16 -7.09
CA LEU A 167 -1.30 -3.25 -6.46
C LEU A 167 -0.35 -4.20 -5.72
N SER A 168 0.87 -4.37 -6.26
CA SER A 168 1.92 -5.21 -5.68
C SER A 168 2.17 -4.89 -4.20
N GLN A 169 1.83 -3.68 -3.75
CA GLN A 169 2.26 -3.15 -2.45
C GLN A 169 1.25 -3.42 -1.35
N TYR A 170 0.13 -3.97 -1.71
CA TYR A 170 -0.96 -4.27 -0.80
C TYR A 170 -1.23 -5.75 -0.89
N LEU A 171 -1.77 -6.27 0.20
CA LEU A 171 -2.09 -7.68 0.32
C LEU A 171 -3.60 -7.84 0.52
N LEU A 172 -4.10 -8.99 0.11
CA LEU A 172 -5.48 -9.35 0.32
C LEU A 172 -5.53 -10.30 1.51
N THR A 173 -6.20 -9.91 2.59
CA THR A 173 -6.32 -10.82 3.71
C THR A 173 -7.45 -11.83 3.46
N SER A 174 -7.45 -12.92 4.23
CA SER A 174 -8.34 -14.04 3.97
C SER A 174 -9.79 -13.71 4.30
N ASN A 175 -10.01 -12.70 5.15
CA ASN A 175 -11.28 -12.07 5.43
C ASN A 175 -11.70 -11.08 4.33
N PHE A 176 -10.80 -10.77 3.40
CA PHE A 176 -10.99 -9.78 2.33
C PHE A 176 -11.00 -8.34 2.80
N SER A 177 -10.09 -8.02 3.69
CA SER A 177 -9.64 -6.65 3.82
C SER A 177 -8.36 -6.46 3.02
N ILE A 178 -7.93 -5.21 2.89
CA ILE A 178 -6.67 -4.86 2.27
C ILE A 178 -5.77 -4.27 3.34
N VAL A 179 -4.49 -4.54 3.23
CA VAL A 179 -3.49 -3.88 4.06
C VAL A 179 -2.34 -3.45 3.17
N ALA A 180 -1.73 -2.31 3.53
CA ALA A 180 -0.46 -1.91 2.96
C ALA A 180 0.62 -2.84 3.47
N ASN A 181 1.55 -3.19 2.59
CA ASN A 181 2.66 -4.06 2.97
C ASN A 181 4.01 -3.38 2.74
N ASP A 182 4.29 -2.88 1.53
CA ASP A 182 5.60 -2.35 1.17
C ASP A 182 5.61 -0.86 1.43
N LEU A 183 6.34 -0.45 2.46
CA LEU A 183 6.42 0.93 2.89
C LEU A 183 7.84 1.46 2.75
N ASP A 184 8.64 0.84 1.87
CA ASP A 184 10.01 1.29 1.68
C ASP A 184 10.05 2.77 1.32
N ALA A 185 9.23 3.16 0.32
CA ALA A 185 9.18 4.51 -0.23
C ALA A 185 7.99 5.24 0.36
N LEU A 186 8.21 5.93 1.48
CA LEU A 186 7.16 6.65 2.21
C LEU A 186 7.68 7.98 2.71
N PRO A 187 7.93 8.93 1.82
CA PRO A 187 8.44 10.23 2.29
C PRO A 187 7.39 10.98 3.11
N LEU A 188 7.91 11.92 3.91
CA LEU A 188 7.09 12.83 4.71
C LEU A 188 6.77 14.13 3.97
N VAL A 189 5.51 14.57 4.06
CA VAL A 189 5.05 15.88 3.60
C VAL A 189 4.66 16.71 4.82
N ASP A 190 5.13 17.96 4.87
CA ASP A 190 4.87 18.87 5.99
C ASP A 190 4.67 20.30 5.51
N SER A 193 5.82 23.28 8.20
CA SER A 193 7.13 23.52 7.57
C SER A 193 6.95 23.51 6.05
N GLY A 194 8.02 23.75 5.30
CA GLY A 194 7.87 23.73 3.86
C GLY A 194 8.29 22.43 3.21
N VAL A 195 8.03 21.29 3.84
CA VAL A 195 8.52 19.99 3.38
C VAL A 195 7.58 19.42 2.33
N LEU A 196 8.05 19.36 1.08
CA LEU A 196 7.40 18.64 -0.03
C LEU A 196 8.25 17.41 -0.37
N ILE A 197 7.81 16.65 -1.38
CA ILE A 197 8.45 15.37 -1.69
C ILE A 197 8.60 15.16 -3.19
N LYS A 198 9.51 14.25 -3.52
CA LYS A 198 9.63 13.67 -4.86
C LYS A 198 9.73 12.16 -4.75
N CYS A 199 9.10 11.45 -5.69
CA CYS A 199 9.08 9.99 -5.70
C CYS A 199 10.24 9.45 -6.52
N GLY A 200 11.44 9.56 -5.99
CA GLY A 200 12.64 9.07 -6.65
C GLY A 200 13.46 10.22 -7.23
N HIS A 201 14.52 9.86 -7.95
CA HIS A 201 15.39 10.83 -8.58
C HIS A 201 15.39 10.70 -10.09
N ARG A 202 14.68 9.72 -10.61
CA ARG A 202 14.56 9.49 -12.04
C ARG A 202 13.28 10.11 -12.57
N GLU A 203 13.34 10.56 -13.82
CA GLU A 203 12.20 11.12 -14.52
C GLU A 203 11.07 10.10 -14.63
N LEU A 204 9.89 10.52 -14.23
CA LEU A 204 8.66 9.75 -14.38
C LEU A 204 7.90 10.20 -15.62
N HIS A 205 7.26 9.24 -16.28
CA HIS A 205 6.52 9.42 -17.54
C HIS A 205 5.13 8.80 -17.44
N GLY A 206 4.24 9.21 -18.35
CA GLY A 206 2.96 8.56 -18.54
C GLY A 206 1.81 9.22 -17.81
N ASP A 207 0.66 8.55 -17.85
CA ASP A 207 -0.56 9.07 -17.26
C ASP A 207 -0.93 8.48 -15.91
N PHE A 208 -0.35 7.33 -15.53
CA PHE A 208 -0.64 6.81 -14.19
C PHE A 208 -0.08 7.72 -13.10
N VAL A 209 1.14 8.21 -13.26
CA VAL A 209 1.64 9.17 -12.26
C VAL A 209 0.85 10.46 -12.39
N ALA A 210 0.82 11.22 -11.31
CA ALA A 210 0.14 12.51 -11.36
C ALA A 210 0.92 13.47 -12.27
N PRO A 211 0.20 14.34 -13.01
CA PRO A 211 0.89 15.23 -13.96
C PRO A 211 1.95 16.12 -13.31
N GLU A 212 1.74 16.58 -12.07
CA GLU A 212 2.85 17.28 -11.42
C GLU A 212 4.04 16.37 -11.09
N GLN A 213 3.97 15.07 -11.40
CA GLN A 213 5.13 14.19 -11.24
C GLN A 213 5.94 14.09 -12.51
N LEU A 214 5.42 14.65 -13.60
CA LEU A 214 6.06 14.72 -14.89
C LEU A 214 7.00 15.91 -14.94
N TRP A 215 8.06 15.77 -15.73
CA TRP A 215 8.95 16.92 -15.98
C TRP A 215 8.14 18.08 -16.54
N PRO A 216 8.25 19.29 -15.98
CA PRO A 216 7.37 20.39 -16.41
C PRO A 216 7.96 21.35 -17.45
N TYR A 217 9.20 21.18 -17.90
CA TYR A 217 9.89 22.24 -18.63
C TYR A 217 10.11 21.95 -20.11
N GLY A 218 9.48 20.90 -20.64
CA GLY A 218 9.46 20.71 -22.08
C GLY A 218 10.71 20.04 -22.60
N GLU A 219 10.64 19.62 -23.86
CA GLU A 219 11.71 18.85 -24.48
C GLU A 219 12.97 19.68 -24.69
N ASP A 220 12.88 21.00 -24.69
CA ASP A 220 14.08 21.79 -24.92
C ASP A 220 14.91 22.02 -23.67
N THR A 221 14.53 21.43 -22.55
CA THR A 221 15.27 21.54 -21.29
C THR A 221 15.40 20.11 -20.77
N PRO A 222 16.58 19.50 -20.90
CA PRO A 222 16.72 18.09 -20.50
C PRO A 222 16.47 17.91 -19.00
N PHE A 223 16.00 16.71 -18.65
CA PHE A 223 15.62 16.43 -17.26
C PHE A 223 16.80 16.58 -16.32
N GLN A 224 16.60 17.36 -15.27
CA GLN A 224 17.57 17.47 -14.18
C GLN A 224 16.77 17.41 -12.88
N ASP A 225 16.98 16.34 -12.10
CA ASP A 225 16.27 16.17 -10.83
C ASP A 225 16.37 17.41 -9.95
N ASP A 226 17.55 18.06 -9.93
CA ASP A 226 17.69 19.26 -9.11
C ASP A 226 16.69 20.35 -9.51
N LEU A 227 16.21 20.34 -10.77
CA LEU A 227 15.22 21.29 -11.23
C LEU A 227 13.78 20.77 -11.15
N MET A 228 13.60 19.49 -10.82
CA MET A 228 12.26 18.91 -10.79
C MET A 228 11.53 19.36 -9.53
N PRO A 229 10.45 20.13 -9.65
CA PRO A 229 9.75 20.64 -8.45
C PRO A 229 9.10 19.51 -7.66
N SER A 230 9.19 19.63 -6.33
CA SER A 230 8.59 18.66 -5.43
C SER A 230 7.08 18.85 -5.32
N TYR A 231 6.43 17.88 -4.69
CA TYR A 231 4.98 17.84 -4.66
C TYR A 231 4.50 17.22 -3.35
N ASN A 232 3.21 16.93 -3.25
CA ASN A 232 2.64 16.51 -1.98
C ASN A 232 1.73 15.30 -2.12
N GLU A 233 0.89 15.05 -1.11
CA GLU A 233 0.17 13.79 -1.07
C GLU A 233 -0.96 13.72 -2.09
N LYS A 234 -1.21 14.80 -2.83
CA LYS A 234 -2.24 14.75 -3.87
C LYS A 234 -1.88 13.79 -5.00
N VAL A 235 -0.63 13.38 -5.11
CA VAL A 235 -0.26 12.41 -6.14
C VAL A 235 -0.91 11.06 -5.86
N ASP A 236 -1.19 10.76 -4.59
CA ASP A 236 -1.94 9.56 -4.23
C ASP A 236 -3.39 9.65 -4.63
N ILE A 237 -4.00 10.83 -4.44
CA ILE A 237 -5.40 11.04 -4.79
C ILE A 237 -5.60 10.78 -6.28
N TRP A 238 -4.69 11.30 -7.10
CA TRP A 238 -4.69 11.13 -8.55
C TRP A 238 -4.86 9.67 -8.96
N LYS A 239 -4.30 8.74 -8.19
CA LYS A 239 -4.26 7.35 -8.59
C LYS A 239 -5.44 6.53 -8.08
N ILE A 240 -6.23 7.09 -7.14
CA ILE A 240 -7.39 6.38 -6.60
C ILE A 240 -8.31 5.80 -7.67
N PRO A 241 -8.76 6.54 -8.70
CA PRO A 241 -9.75 5.96 -9.63
C PRO A 241 -9.26 4.73 -10.35
N ASP A 242 -7.95 4.63 -10.65
CA ASP A 242 -7.38 3.44 -11.28
C ASP A 242 -7.47 2.22 -10.36
N VAL A 243 -7.14 2.37 -9.08
CA VAL A 243 -7.24 1.24 -8.16
C VAL A 243 -8.70 0.88 -7.93
N SER A 244 -9.55 1.89 -7.71
CA SER A 244 -10.98 1.63 -7.53
C SER A 244 -11.58 0.93 -8.74
N SER A 245 -11.20 1.33 -9.95
CA SER A 245 -11.77 0.72 -11.14
C SER A 245 -11.34 -0.73 -11.26
N PHE A 246 -10.04 -0.99 -11.04
CA PHE A 246 -9.54 -2.37 -11.01
C PHE A 246 -10.30 -3.24 -10.03
N LEU A 247 -10.60 -2.71 -8.84
CA LEU A 247 -11.27 -3.53 -7.83
C LEU A 247 -12.71 -3.80 -8.22
N LEU A 248 -13.36 -2.84 -8.89
CA LEU A 248 -14.75 -3.06 -9.33
C LEU A 248 -14.81 -4.07 -10.45
N GLY A 249 -13.85 -4.06 -11.35
CA GLY A 249 -13.84 -5.13 -12.33
C GLY A 249 -15.04 -5.01 -13.24
N HIS A 250 -15.52 -6.17 -13.69
CA HIS A 250 -16.56 -6.22 -14.71
C HIS A 250 -17.58 -7.30 -14.36
N VAL A 251 -18.17 -7.18 -13.18
CA VAL A 251 -19.26 -8.06 -12.77
C VAL A 251 -20.51 -7.22 -12.73
N GLU A 252 -21.64 -7.82 -12.37
CA GLU A 252 -22.90 -7.11 -12.50
C GLU A 252 -22.92 -5.94 -11.50
N GLY A 253 -23.22 -4.75 -12.01
CA GLY A 253 -23.27 -3.57 -11.20
C GLY A 253 -22.04 -2.69 -11.31
N SER A 254 -20.90 -3.24 -11.77
CA SER A 254 -19.66 -2.48 -11.85
C SER A 254 -19.84 -1.19 -12.62
N ASP A 255 -20.42 -1.26 -13.81
CA ASP A 255 -20.57 -0.06 -14.61
C ASP A 255 -21.56 0.89 -13.96
N MET A 256 -22.56 0.35 -13.26
CA MET A 256 -23.46 1.21 -12.50
C MET A 256 -22.69 2.02 -11.46
N VAL A 257 -21.72 1.39 -10.79
CA VAL A 257 -20.93 2.07 -9.76
C VAL A 257 -19.99 3.09 -10.41
N ARG A 258 -19.33 2.69 -11.51
CA ARG A 258 -18.48 3.66 -12.21
C ARG A 258 -19.24 4.92 -12.57
N PHE A 259 -20.50 4.78 -13.01
CA PHE A 259 -21.31 5.93 -13.36
C PHE A 259 -21.46 6.91 -12.20
N HIS A 260 -21.73 6.38 -11.00
CA HIS A 260 -21.92 7.21 -9.82
C HIS A 260 -20.61 7.77 -9.28
N LEU A 261 -19.49 7.20 -9.70
CA LEU A 261 -18.18 7.60 -9.22
C LEU A 261 -17.47 8.52 -10.20
N PHE A 262 -18.05 8.73 -11.38
CA PHE A 262 -17.37 9.48 -12.44
C PHE A 262 -16.90 10.82 -11.92
N ASP A 263 -17.78 11.55 -11.25
CA ASP A 263 -17.45 12.91 -10.87
C ASP A 263 -16.50 12.99 -9.69
N ILE A 264 -16.62 12.10 -8.70
CA ILE A 264 -15.61 12.13 -7.66
C ILE A 264 -14.27 11.74 -8.25
N HIS A 265 -14.28 10.73 -9.12
CA HIS A 265 -13.07 10.33 -9.83
C HIS A 265 -12.54 11.45 -10.74
N LYS A 266 -13.42 12.24 -11.36
CA LYS A 266 -12.98 13.39 -12.14
C LYS A 266 -12.31 14.44 -11.26
N ALA A 267 -12.87 14.73 -10.08
CA ALA A 267 -12.14 15.56 -9.13
C ALA A 267 -10.81 14.93 -8.70
N CYS A 268 -10.69 13.60 -8.76
CA CYS A 268 -9.39 13.03 -8.39
C CYS A 268 -8.34 13.29 -9.46
N LYS A 269 -8.78 13.45 -10.70
CA LYS A 269 -7.90 13.73 -11.83
C LYS A 269 -7.82 15.21 -12.16
N SER A 270 -8.06 16.11 -11.22
CA SER A 270 -7.83 17.52 -11.52
C SER A 270 -6.35 17.71 -11.82
N GLN A 271 -6.05 18.37 -12.94
CA GLN A 271 -4.65 18.68 -13.26
C GLN A 271 -4.02 19.52 -12.16
N ILE A 272 -4.81 20.34 -11.47
CA ILE A 272 -4.31 21.21 -10.41
C ILE A 272 -4.41 20.44 -9.10
N PRO A 273 -3.29 20.08 -8.47
CA PRO A 273 -3.36 19.20 -7.29
C PRO A 273 -4.28 19.73 -6.21
N ALA A 274 -4.21 21.03 -5.92
CA ALA A 274 -4.96 21.60 -4.82
C ALA A 274 -6.48 21.45 -5.01
N GLU A 275 -6.94 21.28 -6.26
CA GLU A 275 -8.35 21.02 -6.51
C GLU A 275 -8.76 19.56 -6.30
N ARG A 276 -7.81 18.66 -6.06
CA ARG A 276 -8.27 17.30 -5.83
C ARG A 276 -8.81 17.15 -4.42
N PRO A 277 -9.79 16.27 -4.22
CA PRO A 277 -10.29 16.03 -2.86
C PRO A 277 -9.25 15.38 -1.97
N THR A 278 -9.49 15.46 -0.66
CA THR A 278 -8.72 14.66 0.26
C THR A 278 -9.19 13.22 0.21
N ALA A 279 -8.37 12.31 0.76
CA ALA A 279 -8.80 10.93 0.87
C ALA A 279 -10.08 10.82 1.69
N GLN A 280 -10.20 11.62 2.73
CA GLN A 280 -11.43 11.59 3.51
C GLN A 280 -12.63 11.96 2.64
N ASN A 281 -12.49 13.00 1.79
CA ASN A 281 -13.59 13.37 0.91
C ASN A 281 -13.98 12.23 -0.01
N VAL A 282 -12.99 11.52 -0.60
CA VAL A 282 -13.33 10.44 -1.53
C VAL A 282 -14.04 9.31 -0.80
N LEU A 283 -13.53 8.94 0.39
CA LEU A 283 -14.18 7.93 1.22
C LEU A 283 -15.63 8.30 1.54
N ASP A 284 -15.86 9.55 2.01
CA ASP A 284 -17.21 10.02 2.30
C ASP A 284 -18.14 9.83 1.12
N ALA A 285 -17.71 10.30 -0.06
CA ALA A 285 -18.50 10.14 -1.27
C ALA A 285 -18.71 8.68 -1.63
N TYR A 286 -17.68 7.85 -1.46
CA TYR A 286 -17.85 6.42 -1.73
C TYR A 286 -18.93 5.82 -0.83
N GLN A 287 -18.96 6.25 0.44
CA GLN A 287 -19.95 5.73 1.39
C GLN A 287 -21.36 6.15 1.01
N ARG A 288 -21.56 7.44 0.72
CA ARG A 288 -22.86 7.91 0.24
C ARG A 288 -23.31 7.15 -1.01
N VAL A 289 -22.41 6.95 -1.96
CA VAL A 289 -22.79 6.20 -3.15
C VAL A 289 -23.13 4.77 -2.77
N PHE A 290 -22.35 4.18 -1.87
CA PHE A 290 -22.57 2.78 -1.49
C PHE A 290 -23.98 2.58 -0.95
N HIS A 291 -24.36 3.40 0.04
CA HIS A 291 -25.61 3.20 0.77
C HIS A 291 -26.81 3.63 -0.07
N SER A 292 -26.60 4.56 -0.99
CA SER A 292 -27.66 4.92 -1.91
C SER A 292 -28.02 3.78 -2.86
N LEU A 293 -27.05 2.92 -3.22
CA LEU A 293 -27.31 1.89 -4.24
C LEU A 293 -27.86 0.57 -3.67
PG ANP B . 9.29 -3.37 -4.59
O1G ANP B . 7.86 -2.89 -4.74
O2G ANP B . 10.01 -2.25 -3.71
O3G ANP B . 10.05 -3.54 -5.98
PB ANP B . 9.87 -5.18 -2.38
O1B ANP B . 9.73 -3.91 -1.52
O2B ANP B . 11.31 -5.57 -2.45
N3B ANP B . 9.23 -4.94 -3.92
PA ANP B . 7.50 -6.34 -1.48
O1A ANP B . 6.73 -5.16 -2.03
O2A ANP B . 7.42 -6.54 0.03
O3A ANP B . 9.08 -6.34 -1.71
O5' ANP B . 7.09 -7.55 -2.41
C5' ANP B . 6.92 -8.84 -1.93
C4' ANP B . 5.87 -9.59 -2.70
O4' ANP B . 5.82 -10.91 -2.11
C3' ANP B . 4.45 -9.04 -2.61
O3' ANP B . 4.08 -8.23 -3.73
C2' ANP B . 3.59 -10.29 -2.49
O2' ANP B . 3.35 -10.94 -3.72
C1' ANP B . 4.51 -11.19 -1.66
N9 ANP B . 4.41 -10.94 -0.23
C8 ANP B . 5.08 -9.99 0.50
N7 ANP B . 4.73 -9.95 1.77
C5 ANP B . 3.75 -10.93 1.86
C6 ANP B . 2.96 -11.39 2.94
N6 ANP B . 3.06 -10.90 4.18
N1 ANP B . 2.06 -12.37 2.70
C2 ANP B . 1.97 -12.86 1.47
N3 ANP B . 2.65 -12.50 0.37
C4 ANP B . 3.52 -11.52 0.64
MG MG C . 9.67 -1.52 -1.70
MG MG D . 6.51 -3.80 -3.61
C1 MAN E . 10.35 4.66 -8.24
C2 MAN E . 9.57 5.81 -7.55
C3 MAN E . 10.16 6.17 -6.06
C4 MAN E . 10.72 5.04 -5.27
C5 MAN E . 11.49 4.03 -6.16
C6 MAN E . 11.91 2.78 -5.38
O1 MAN E . 11.49 5.27 -8.90
O2 MAN E . 8.17 5.54 -7.46
O3 MAN E . 9.30 6.85 -5.16
O4 MAN E . 11.61 5.67 -4.26
O5 MAN E . 10.69 3.60 -7.34
O6 MAN E . 11.84 1.68 -6.27
#